data_7AUB
#
_entry.id   7AUB
#
_cell.length_a   69.256
_cell.length_b   82.977
_cell.length_c   89.089
_cell.angle_alpha   90.000
_cell.angle_beta   90.000
_cell.angle_gamma   90.000
#
_symmetry.space_group_name_H-M   'P 21 21 21'
#
loop_
_entity.id
_entity.type
_entity.pdbx_description
1 polymer 'Peptidoglycan D,D-transpeptidase FtsI'
2 non-polymer '2-(5-(benzyloxy)-1-hydroxy-1,3-dihydrobenzo[c][1,2]oxaborol-3-yl)acetic acid'
3 water water
#
_entity_poly.entity_id   1
_entity_poly.type   'polypeptide(L)'
_entity_poly.pdbx_seq_one_letter_code
;GPGYQDPARSVRHIAIPAHRGLITDRNGEPLAVSTPVTTLWANPKELMTAKERWPQLAAALGQDTKLFADRIEQNAEREF
IYLVRGLTPEQGEGVIALKVPGVYSIEEFRRFYPAGEVVAHAVGFTDVDDRGREGIELAFDEWLAGVPGKRQVLKDRRGR
VIKDVQVTKNAKPGKTLALSIDLRLQYLAHRELRNALLENGAKAGSLVIMDVKTGEILAMTNQPTYNPNNRRNLQPAAMR
NRAMIDVFEPGSTVKPFSMSAALASGRWKPSDIVDVYPGTLQIGRYTIRDVSRNSRQLDLTGILIKSSNVGISKIAFDIG
AESIYSVMQQVGLGQDTGLGFPGERVGNLPNHRKWPKAETATLAYGYGLSVTAIQLAHAYAALANDGKSVPLSMTRVDRV
PDGVQVISPEVASTVQGMLQQVVEAQGGVFRAQVPGYHAAGKSGTARKVSVGTKGYRENAYRSLFAGFAPATDPRIAMVV
VIDEPSKAGYFGGLVSAPVFSKVMAGALRLMNVPPDNLPTATEQQQVNAAPAKGGRG
;
_entity_poly.pdbx_strand_id   A
#
# COMPACT_ATOMS: atom_id res chain seq x y z
N VAL A 11 -25.65 9.32 41.66
CA VAL A 11 -25.79 9.74 40.23
C VAL A 11 -24.50 9.38 39.48
N ARG A 12 -24.62 8.57 38.43
CA ARG A 12 -23.50 8.00 37.65
C ARG A 12 -23.60 8.49 36.20
N HIS A 13 -22.52 8.40 35.43
CA HIS A 13 -22.44 8.75 33.98
C HIS A 13 -22.06 7.51 33.16
N ILE A 14 -22.70 7.37 31.99
CA ILE A 14 -22.40 6.32 30.97
C ILE A 14 -22.28 6.98 29.60
N ALA A 15 -21.33 6.54 28.77
CA ALA A 15 -21.02 7.12 27.45
C ALA A 15 -22.00 6.59 26.40
N ILE A 16 -22.44 7.47 25.50
CA ILE A 16 -23.28 7.11 24.31
C ILE A 16 -22.31 6.91 23.14
N PRO A 17 -22.05 5.67 22.67
CA PRO A 17 -21.15 5.43 21.54
C PRO A 17 -21.63 6.26 20.34
N ALA A 18 -20.69 6.83 19.59
CA ALA A 18 -20.98 7.57 18.34
C ALA A 18 -20.88 6.59 17.16
N HIS A 19 -21.67 6.82 16.12
CA HIS A 19 -21.69 5.98 14.90
C HIS A 19 -20.45 6.34 14.07
N ARG A 20 -19.57 5.37 13.83
CA ARG A 20 -18.32 5.56 13.03
C ARG A 20 -18.64 5.93 11.58
N GLY A 21 -17.89 6.87 11.02
CA GLY A 21 -18.10 7.38 9.65
C GLY A 21 -17.97 6.27 8.63
N LEU A 22 -18.73 6.40 7.57
CA LEU A 22 -18.71 5.46 6.41
C LEU A 22 -17.41 5.70 5.61
N ILE A 23 -16.68 4.64 5.26
CA ILE A 23 -15.56 4.70 4.29
C ILE A 23 -16.12 4.17 2.99
N THR A 24 -15.97 4.93 1.92
CA THR A 24 -16.26 4.49 0.54
C THR A 24 -15.00 4.55 -0.30
N ASP A 25 -15.06 3.93 -1.48
CA ASP A 25 -14.05 4.12 -2.53
C ASP A 25 -14.38 5.45 -3.18
N ARG A 26 -13.66 5.77 -4.24
CA ARG A 26 -13.71 7.12 -4.84
C ARG A 26 -15.07 7.33 -5.52
N ASN A 27 -15.82 6.28 -5.82
CA ASN A 27 -17.16 6.37 -6.48
C ASN A 27 -18.30 6.18 -5.49
N GLY A 28 -18.03 6.10 -4.19
CA GLY A 28 -19.08 5.97 -3.17
C GLY A 28 -19.42 4.52 -2.87
N GLU A 29 -18.65 3.55 -3.36
CA GLU A 29 -18.92 2.13 -3.04
C GLU A 29 -18.52 1.91 -1.59
N PRO A 30 -19.36 1.31 -0.72
CA PRO A 30 -19.04 1.17 0.70
C PRO A 30 -17.92 0.17 0.97
N LEU A 31 -16.92 0.59 1.77
CA LEU A 31 -15.76 -0.26 2.13
C LEU A 31 -15.76 -0.60 3.62
N ALA A 32 -16.29 0.28 4.46
CA ALA A 32 -16.38 0.03 5.92
C ALA A 32 -17.63 0.73 6.44
N VAL A 33 -18.51 -0.05 7.08
CA VAL A 33 -19.85 0.42 7.52
C VAL A 33 -20.07 -0.02 8.97
N SER A 34 -20.53 0.90 9.79
CA SER A 34 -20.91 0.68 11.20
C SER A 34 -22.29 0.02 11.21
N THR A 35 -22.35 -1.21 11.69
CA THR A 35 -23.53 -2.12 11.77
C THR A 35 -24.02 -2.15 13.22
N PRO A 36 -25.34 -2.05 13.48
CA PRO A 36 -25.89 -2.36 14.81
C PRO A 36 -25.52 -3.74 15.42
N VAL A 37 -25.12 -3.74 16.69
CA VAL A 37 -25.01 -4.97 17.54
C VAL A 37 -25.47 -4.63 18.97
N THR A 38 -25.66 -5.63 19.84
CA THR A 38 -25.96 -5.43 21.29
C THR A 38 -24.97 -6.20 22.18
N THR A 39 -24.40 -5.50 23.16
CA THR A 39 -23.48 -5.99 24.23
C THR A 39 -24.24 -6.09 25.57
N LEU A 40 -24.47 -7.31 26.05
CA LEU A 40 -25.22 -7.57 27.31
C LEU A 40 -24.23 -7.52 28.46
N TRP A 41 -24.48 -6.65 29.43
CA TRP A 41 -23.78 -6.70 30.74
C TRP A 41 -24.76 -7.28 31.77
N ALA A 42 -24.46 -7.19 33.06
CA ALA A 42 -25.38 -7.62 34.15
C ALA A 42 -24.90 -7.07 35.50
N ASN A 43 -25.82 -6.87 36.43
CA ASN A 43 -25.49 -6.43 37.82
C ASN A 43 -25.39 -7.67 38.70
N PRO A 44 -24.22 -8.35 38.76
CA PRO A 44 -24.10 -9.62 39.48
C PRO A 44 -25.04 -9.66 40.70
N LYS A 45 -24.94 -8.66 41.58
CA LYS A 45 -25.72 -8.55 42.85
C LYS A 45 -27.22 -8.78 42.56
N GLU A 46 -27.71 -8.39 41.38
CA GLU A 46 -29.09 -8.66 40.88
C GLU A 46 -29.18 -10.10 40.34
N LEU A 47 -28.20 -10.51 39.54
CA LEU A 47 -28.13 -11.85 38.91
C LEU A 47 -28.09 -12.93 39.99
N MET A 48 -27.46 -12.62 41.14
CA MET A 48 -27.32 -13.47 42.34
C MET A 48 -28.67 -13.73 43.03
N THR A 49 -29.75 -13.07 42.61
CA THR A 49 -31.10 -13.27 43.17
C THR A 49 -31.92 -14.16 42.23
N ALA A 50 -31.35 -14.62 41.11
CA ALA A 50 -32.10 -15.37 40.07
C ALA A 50 -31.33 -16.61 39.60
N LYS A 51 -30.59 -17.25 40.49
CA LYS A 51 -29.73 -18.43 40.21
C LYS A 51 -30.48 -19.49 39.41
N GLU A 52 -31.77 -19.71 39.62
CA GLU A 52 -32.48 -20.79 38.88
C GLU A 52 -32.60 -20.44 37.40
N ARG A 53 -32.41 -19.19 37.01
CA ARG A 53 -32.39 -18.80 35.58
C ARG A 53 -31.01 -19.09 34.95
N TRP A 54 -29.95 -19.23 35.74
CA TRP A 54 -28.57 -19.20 35.19
C TRP A 54 -28.42 -20.25 34.08
N PRO A 55 -28.82 -21.53 34.25
CA PRO A 55 -28.57 -22.53 33.21
C PRO A 55 -29.14 -22.13 31.84
N GLN A 56 -30.33 -21.51 31.80
CA GLN A 56 -30.96 -21.02 30.55
C GLN A 56 -30.24 -19.78 29.98
N LEU A 57 -29.84 -18.83 30.83
CA LEU A 57 -29.02 -17.67 30.43
C LEU A 57 -27.72 -18.19 29.80
N ALA A 58 -27.02 -19.10 30.47
CA ALA A 58 -25.75 -19.71 30.01
C ALA A 58 -25.92 -20.25 28.57
N ALA A 59 -26.82 -21.23 28.37
CA ALA A 59 -27.16 -21.83 27.06
C ALA A 59 -27.39 -20.71 26.02
N ALA A 60 -28.36 -19.83 26.25
CA ALA A 60 -28.68 -18.70 25.34
C ALA A 60 -27.46 -17.82 25.08
N LEU A 61 -26.47 -17.78 25.98
CA LEU A 61 -25.25 -16.95 25.84
C LEU A 61 -24.13 -17.78 25.18
N GLY A 62 -24.34 -19.07 24.92
CA GLY A 62 -23.28 -19.92 24.35
C GLY A 62 -22.32 -20.42 25.40
N GLN A 63 -22.07 -19.65 26.46
CA GLN A 63 -21.22 -20.06 27.62
C GLN A 63 -21.82 -21.34 28.24
N ASP A 64 -21.08 -21.98 29.14
CA ASP A 64 -21.38 -23.36 29.65
C ASP A 64 -21.75 -23.27 31.14
N THR A 65 -22.57 -24.21 31.63
CA THR A 65 -23.41 -24.05 32.86
C THR A 65 -22.53 -23.74 34.08
N LYS A 66 -21.61 -24.63 34.45
CA LYS A 66 -20.74 -24.44 35.63
C LYS A 66 -19.73 -23.32 35.37
N LEU A 67 -19.17 -23.21 34.17
CA LEU A 67 -18.23 -22.11 33.80
C LEU A 67 -18.97 -20.79 34.01
N PHE A 68 -20.20 -20.70 33.50
CA PHE A 68 -21.03 -19.48 33.62
C PHE A 68 -21.30 -19.20 35.11
N ALA A 69 -21.75 -20.18 35.90
CA ALA A 69 -22.08 -19.99 37.34
C ALA A 69 -20.84 -19.53 38.11
N ASP A 70 -19.70 -20.18 37.87
CA ASP A 70 -18.38 -19.80 38.45
C ASP A 70 -18.14 -18.30 38.18
N ARG A 71 -18.26 -17.89 36.92
CA ARG A 71 -17.93 -16.49 36.53
C ARG A 71 -18.77 -15.52 37.38
N ILE A 72 -20.09 -15.71 37.44
CA ILE A 72 -21.03 -14.81 38.16
C ILE A 72 -20.72 -14.81 39.66
N GLU A 73 -20.46 -15.97 40.27
CA GLU A 73 -20.29 -16.11 41.74
C GLU A 73 -19.11 -15.26 42.23
N GLN A 74 -17.94 -15.44 41.63
CA GLN A 74 -16.67 -14.75 42.03
C GLN A 74 -16.78 -13.23 41.79
N ASN A 75 -17.57 -12.82 40.78
CA ASN A 75 -17.81 -11.39 40.44
C ASN A 75 -19.10 -10.90 41.12
N ALA A 76 -19.45 -11.46 42.28
CA ALA A 76 -20.72 -11.19 43.01
C ALA A 76 -20.67 -9.82 43.69
N GLU A 77 -19.46 -9.31 43.95
CA GLU A 77 -19.21 -7.95 44.51
C GLU A 77 -19.45 -6.93 43.39
N ARG A 78 -18.82 -7.11 42.23
CA ARG A 78 -18.87 -6.17 41.08
C ARG A 78 -20.32 -5.73 40.82
N GLU A 79 -20.56 -4.43 40.88
CA GLU A 79 -21.84 -3.77 40.50
C GLU A 79 -22.12 -3.97 39.00
N PHE A 80 -21.07 -4.32 38.24
CA PHE A 80 -21.06 -4.36 36.75
C PHE A 80 -20.05 -5.41 36.29
N ILE A 81 -20.45 -6.21 35.30
CA ILE A 81 -19.54 -6.96 34.38
C ILE A 81 -20.29 -7.13 33.06
N TYR A 82 -19.54 -7.15 31.95
CA TYR A 82 -20.05 -7.59 30.63
C TYR A 82 -20.45 -9.05 30.78
N LEU A 83 -21.32 -9.52 29.89
CA LEU A 83 -21.67 -10.95 29.72
C LEU A 83 -21.12 -11.40 28.37
N VAL A 84 -21.40 -10.60 27.34
CA VAL A 84 -21.00 -10.86 25.93
C VAL A 84 -21.06 -9.53 25.13
N ARG A 85 -20.06 -9.27 24.28
CA ARG A 85 -20.07 -8.19 23.26
C ARG A 85 -20.55 -8.76 21.92
N GLY A 86 -21.02 -7.91 21.03
CA GLY A 86 -21.02 -8.19 19.58
C GLY A 86 -22.18 -9.03 19.13
N LEU A 87 -23.14 -9.33 20.01
CA LEU A 87 -24.35 -10.11 19.62
C LEU A 87 -25.15 -9.28 18.61
N THR A 88 -25.56 -9.93 17.51
CA THR A 88 -26.59 -9.41 16.58
C THR A 88 -27.74 -8.84 17.42
N PRO A 89 -28.56 -7.90 16.91
CA PRO A 89 -29.59 -7.26 17.74
C PRO A 89 -30.86 -8.09 17.92
N GLU A 90 -31.03 -9.15 17.10
CA GLU A 90 -32.26 -10.00 17.08
C GLU A 90 -32.04 -11.26 17.91
N GLN A 91 -30.89 -11.93 17.73
CA GLN A 91 -30.37 -13.00 18.61
C GLN A 91 -30.23 -12.44 20.04
N GLY A 92 -29.80 -11.18 20.15
CA GLY A 92 -29.55 -10.48 21.42
C GLY A 92 -30.82 -10.19 22.19
N GLU A 93 -31.97 -10.17 21.52
CA GLU A 93 -33.30 -10.04 22.18
C GLU A 93 -33.72 -11.39 22.75
N GLY A 94 -33.41 -12.49 22.05
CA GLY A 94 -33.58 -13.90 22.51
C GLY A 94 -33.04 -14.11 23.92
N VAL A 95 -32.08 -13.29 24.35
CA VAL A 95 -31.58 -13.26 25.76
C VAL A 95 -32.54 -12.45 26.62
N ILE A 96 -32.96 -11.25 26.18
CA ILE A 96 -33.89 -10.37 26.94
C ILE A 96 -35.32 -10.93 26.82
N ALA A 97 -35.51 -11.99 26.03
CA ALA A 97 -36.77 -12.76 25.87
C ALA A 97 -36.91 -13.80 26.99
N LEU A 98 -35.78 -14.29 27.53
CA LEU A 98 -35.74 -15.10 28.78
C LEU A 98 -36.17 -14.22 29.96
N LYS A 99 -36.05 -12.90 29.80
CA LYS A 99 -36.32 -11.88 30.83
C LYS A 99 -35.76 -12.40 32.16
N VAL A 100 -34.44 -12.43 32.29
CA VAL A 100 -33.72 -12.69 33.57
C VAL A 100 -33.43 -11.35 34.26
N PRO A 101 -33.74 -11.23 35.56
CA PRO A 101 -33.25 -10.11 36.37
C PRO A 101 -31.72 -10.01 36.36
N GLY A 102 -31.19 -8.78 36.43
CA GLY A 102 -29.74 -8.47 36.48
C GLY A 102 -29.14 -8.25 35.10
N VAL A 103 -29.85 -8.65 34.04
CA VAL A 103 -29.44 -8.55 32.61
C VAL A 103 -29.86 -7.17 32.06
N TYR A 104 -28.90 -6.25 31.85
CA TYR A 104 -29.08 -5.00 31.07
C TYR A 104 -28.22 -5.02 29.80
N SER A 105 -28.80 -4.48 28.72
CA SER A 105 -28.23 -4.48 27.35
C SER A 105 -27.84 -3.05 26.95
N ILE A 106 -26.71 -2.92 26.25
CA ILE A 106 -26.24 -1.68 25.54
C ILE A 106 -26.38 -1.95 24.03
N GLU A 107 -26.76 -0.93 23.26
CA GLU A 107 -26.80 -0.96 21.77
C GLU A 107 -25.51 -0.32 21.24
N GLU A 108 -24.84 -0.99 20.30
CA GLU A 108 -23.44 -0.69 19.87
C GLU A 108 -23.33 -0.85 18.35
N PHE A 109 -22.26 -0.33 17.77
CA PHE A 109 -21.93 -0.50 16.33
C PHE A 109 -20.67 -1.34 16.20
N ARG A 110 -20.65 -2.16 15.16
CA ARG A 110 -19.48 -2.97 14.78
C ARG A 110 -19.29 -2.73 13.28
N ARG A 111 -18.05 -2.80 12.81
CA ARG A 111 -17.71 -2.58 11.39
C ARG A 111 -18.05 -3.83 10.57
N PHE A 112 -18.59 -3.63 9.37
CA PHE A 112 -18.57 -4.64 8.29
C PHE A 112 -17.79 -4.07 7.09
N TYR A 113 -17.03 -4.93 6.43
CA TYR A 113 -16.11 -4.67 5.28
C TYR A 113 -16.64 -5.36 4.04
N PRO A 114 -17.56 -4.71 3.26
CA PRO A 114 -18.25 -5.38 2.16
C PRO A 114 -17.32 -5.99 1.12
N ALA A 115 -16.08 -5.50 0.96
CA ALA A 115 -15.18 -6.00 -0.11
C ALA A 115 -14.14 -6.95 0.49
N GLY A 116 -14.13 -7.10 1.81
CA GLY A 116 -13.39 -8.12 2.55
C GLY A 116 -11.90 -8.08 2.24
N GLU A 117 -11.37 -9.22 1.77
CA GLU A 117 -9.92 -9.47 1.60
C GLU A 117 -9.34 -8.60 0.48
N VAL A 118 -10.15 -8.25 -0.52
CA VAL A 118 -9.79 -7.45 -1.72
C VAL A 118 -9.12 -6.12 -1.34
N VAL A 119 -9.53 -5.48 -0.25
CA VAL A 119 -9.00 -4.14 0.13
C VAL A 119 -8.67 -4.10 1.63
N ALA A 120 -8.28 -5.25 2.19
CA ALA A 120 -8.02 -5.47 3.63
C ALA A 120 -6.97 -4.48 4.15
N HIS A 121 -5.81 -4.43 3.51
CA HIS A 121 -4.62 -3.69 4.01
C HIS A 121 -4.85 -2.18 3.89
N ALA A 122 -5.38 -1.72 2.75
CA ALA A 122 -5.73 -0.29 2.53
C ALA A 122 -6.76 0.19 3.57
N VAL A 123 -7.85 -0.55 3.75
CA VAL A 123 -8.92 -0.08 4.67
C VAL A 123 -8.49 -0.38 6.11
N GLY A 124 -7.93 -1.56 6.34
CA GLY A 124 -7.62 -2.04 7.70
C GLY A 124 -8.88 -2.43 8.45
N PHE A 125 -8.86 -2.28 9.78
CA PHE A 125 -9.97 -2.77 10.63
C PHE A 125 -9.92 -2.05 11.97
N THR A 126 -10.99 -2.22 12.75
CA THR A 126 -11.18 -1.66 14.10
C THR A 126 -10.94 -2.74 15.16
N ASP A 127 -10.64 -2.37 16.40
CA ASP A 127 -10.52 -3.30 17.56
C ASP A 127 -11.91 -3.53 18.19
N VAL A 128 -11.95 -4.22 19.34
CA VAL A 128 -13.20 -4.58 20.09
C VAL A 128 -13.89 -3.30 20.56
N ASP A 129 -13.13 -2.25 20.84
CA ASP A 129 -13.64 -0.92 21.31
C ASP A 129 -14.08 -0.03 20.13
N ASP A 130 -14.00 -0.54 18.89
CA ASP A 130 -14.46 0.17 17.66
C ASP A 130 -13.44 1.26 17.28
N ARG A 131 -12.18 1.09 17.64
CA ARG A 131 -11.08 2.04 17.34
C ARG A 131 -10.20 1.44 16.24
N GLY A 132 -9.68 2.30 15.35
CA GLY A 132 -8.82 1.88 14.24
C GLY A 132 -7.59 1.17 14.75
N ARG A 133 -7.25 0.02 14.17
CA ARG A 133 -6.05 -0.80 14.52
C ARG A 133 -5.04 -0.92 13.36
N GLU A 134 -5.49 -0.78 12.10
CA GLU A 134 -4.67 -0.92 10.88
C GLU A 134 -5.26 0.00 9.81
N GLY A 135 -4.47 0.24 8.75
CA GLY A 135 -4.87 0.95 7.51
C GLY A 135 -5.52 2.27 7.79
N ILE A 136 -6.49 2.63 6.94
CA ILE A 136 -7.23 3.92 6.99
C ILE A 136 -7.99 4.05 8.31
N GLU A 137 -8.54 2.96 8.84
CA GLU A 137 -9.33 2.96 10.09
C GLU A 137 -8.50 3.61 11.21
N LEU A 138 -7.24 3.21 11.32
CA LEU A 138 -6.25 3.85 12.23
C LEU A 138 -5.94 5.28 11.74
N ALA A 139 -5.38 5.40 10.52
CA ALA A 139 -4.87 6.67 9.95
C ALA A 139 -5.88 7.80 10.07
N PHE A 140 -7.17 7.57 9.83
CA PHE A 140 -8.18 8.64 9.99
C PHE A 140 -9.13 8.34 11.16
N ASP A 141 -8.65 7.62 12.18
CA ASP A 141 -9.47 7.21 13.35
C ASP A 141 -10.22 8.43 13.90
N GLU A 142 -9.59 9.60 13.96
CA GLU A 142 -10.19 10.78 14.62
C GLU A 142 -11.36 11.27 13.78
N TRP A 143 -11.16 11.37 12.47
CA TRP A 143 -12.21 11.83 11.51
C TRP A 143 -13.43 10.89 11.53
N LEU A 144 -13.18 9.58 11.60
CA LEU A 144 -14.18 8.50 11.48
C LEU A 144 -14.90 8.26 12.82
N ALA A 145 -14.25 8.48 13.96
CA ALA A 145 -14.76 8.06 15.28
C ALA A 145 -15.88 8.98 15.76
N GLY A 146 -15.90 10.25 15.37
CA GLY A 146 -16.84 11.24 15.95
C GLY A 146 -16.57 11.41 17.44
N VAL A 147 -17.57 11.82 18.24
CA VAL A 147 -17.33 12.07 19.70
C VAL A 147 -18.45 11.42 20.48
N PRO A 148 -18.12 10.48 21.41
CA PRO A 148 -19.12 9.86 22.28
C PRO A 148 -20.02 10.92 22.96
N GLY A 149 -21.25 10.53 23.28
CA GLY A 149 -22.17 11.34 24.11
C GLY A 149 -22.09 10.96 25.58
N LYS A 150 -22.89 11.60 26.44
CA LYS A 150 -22.80 11.44 27.91
C LYS A 150 -24.23 11.43 28.50
N ARG A 151 -24.52 10.48 29.40
CA ARG A 151 -25.82 10.30 30.10
C ARG A 151 -25.58 10.03 31.58
N GLN A 152 -26.41 10.63 32.45
CA GLN A 152 -26.18 10.70 33.92
C GLN A 152 -26.76 9.45 34.61
N VAL A 165 -31.89 10.80 33.98
CA VAL A 165 -31.80 12.19 34.51
C VAL A 165 -31.77 13.14 33.32
N GLN A 166 -30.78 12.98 32.44
CA GLN A 166 -30.68 13.74 31.16
C GLN A 166 -29.53 13.21 30.29
N VAL A 167 -29.58 13.57 29.02
CA VAL A 167 -28.41 13.55 28.08
C VAL A 167 -27.68 14.88 28.28
N THR A 168 -26.59 14.87 29.06
CA THR A 168 -25.72 16.06 29.31
C THR A 168 -24.95 16.41 28.02
N LYS A 169 -24.56 15.39 27.23
CA LYS A 169 -23.91 15.55 25.90
C LYS A 169 -24.48 14.53 24.90
N ASN A 170 -25.03 15.03 23.78
CA ASN A 170 -25.41 14.23 22.59
C ASN A 170 -24.12 13.77 21.87
N ALA A 171 -24.06 12.49 21.48
CA ALA A 171 -22.98 11.94 20.64
C ALA A 171 -23.03 12.60 19.26
N LYS A 172 -21.88 13.05 18.74
CA LYS A 172 -21.70 13.50 17.32
C LYS A 172 -21.20 12.32 16.48
N PRO A 173 -21.82 12.04 15.30
CA PRO A 173 -21.42 10.90 14.49
C PRO A 173 -20.08 11.19 13.77
N GLY A 174 -19.26 10.16 13.55
CA GLY A 174 -18.03 10.28 12.75
C GLY A 174 -18.37 10.73 11.34
N LYS A 175 -17.39 11.17 10.56
CA LYS A 175 -17.63 11.77 9.23
C LYS A 175 -17.29 10.75 8.14
N THR A 176 -18.00 10.80 7.02
CA THR A 176 -17.79 9.96 5.82
C THR A 176 -16.39 10.22 5.28
N LEU A 177 -15.74 9.20 4.73
CA LEU A 177 -14.42 9.34 4.09
C LEU A 177 -14.41 8.59 2.76
N ALA A 178 -14.14 9.31 1.66
CA ALA A 178 -14.01 8.75 0.30
C ALA A 178 -12.52 8.54 0.02
N LEU A 179 -12.11 7.27 -0.13
CA LEU A 179 -10.71 6.91 -0.46
C LEU A 179 -10.40 7.29 -1.91
N SER A 180 -9.11 7.34 -2.23
CA SER A 180 -8.62 7.50 -3.62
C SER A 180 -8.84 6.17 -4.39
N ILE A 181 -8.89 5.06 -3.67
CA ILE A 181 -9.01 3.69 -4.25
C ILE A 181 -10.23 3.64 -5.19
N ASP A 182 -10.05 3.13 -6.40
CA ASP A 182 -11.18 2.70 -7.29
C ASP A 182 -11.40 1.19 -7.10
N LEU A 183 -12.50 0.78 -6.48
CA LEU A 183 -12.71 -0.65 -6.13
C LEU A 183 -12.63 -1.54 -7.39
N ARG A 184 -13.03 -1.06 -8.56
CA ARG A 184 -12.96 -1.83 -9.84
C ARG A 184 -11.48 -2.13 -10.16
N LEU A 185 -10.59 -1.13 -10.03
CA LEU A 185 -9.12 -1.37 -10.24
C LEU A 185 -8.54 -2.22 -9.13
N GLN A 186 -8.99 -2.02 -7.87
CA GLN A 186 -8.48 -2.80 -6.73
C GLN A 186 -8.81 -4.30 -6.94
N TYR A 187 -10.01 -4.62 -7.46
CA TYR A 187 -10.46 -6.02 -7.71
C TYR A 187 -9.58 -6.65 -8.79
N LEU A 188 -9.42 -5.95 -9.91
CA LEU A 188 -8.54 -6.34 -11.03
C LEU A 188 -7.10 -6.56 -10.54
N ALA A 189 -6.55 -5.63 -9.76
CA ALA A 189 -5.18 -5.76 -9.20
C ALA A 189 -5.15 -6.99 -8.30
N HIS A 190 -6.14 -7.16 -7.42
CA HIS A 190 -6.12 -8.25 -6.42
C HIS A 190 -6.08 -9.58 -7.18
N ARG A 191 -6.86 -9.69 -8.26
CA ARG A 191 -7.07 -10.97 -9.00
C ARG A 191 -5.80 -11.33 -9.77
N GLU A 192 -5.33 -10.37 -10.55
CA GLU A 192 -4.17 -10.53 -11.44
C GLU A 192 -2.91 -10.81 -10.63
N LEU A 193 -2.74 -10.19 -9.46
CA LEU A 193 -1.52 -10.42 -8.63
C LEU A 193 -1.62 -11.84 -8.05
N ARG A 194 -2.83 -12.22 -7.59
CA ARG A 194 -3.08 -13.53 -6.96
C ARG A 194 -2.71 -14.62 -7.97
N ASN A 195 -3.22 -14.53 -9.19
CA ASN A 195 -3.00 -15.51 -10.28
C ASN A 195 -1.49 -15.60 -10.59
N ALA A 196 -0.77 -14.48 -10.57
CA ALA A 196 0.66 -14.39 -10.90
C ALA A 196 1.47 -15.11 -9.82
N LEU A 197 1.03 -15.05 -8.56
CA LEU A 197 1.74 -15.66 -7.41
C LEU A 197 1.59 -17.19 -7.43
N LEU A 198 0.42 -17.70 -7.84
CA LEU A 198 0.16 -19.15 -8.00
C LEU A 198 0.89 -19.67 -9.24
N GLU A 199 0.85 -18.93 -10.35
CA GLU A 199 1.47 -19.30 -11.66
C GLU A 199 3.01 -19.20 -11.62
N ASN A 200 3.62 -18.61 -10.56
CA ASN A 200 5.10 -18.48 -10.37
C ASN A 200 5.49 -19.02 -8.99
N GLY A 201 4.69 -19.92 -8.42
CA GLY A 201 4.81 -20.39 -7.03
C GLY A 201 5.52 -19.40 -6.13
N ALA A 202 5.07 -18.14 -6.07
CA ALA A 202 5.67 -17.10 -5.21
C ALA A 202 4.94 -16.98 -3.87
N LYS A 203 5.67 -16.61 -2.82
CA LYS A 203 5.18 -16.43 -1.43
C LYS A 203 4.22 -15.23 -1.30
N ALA A 204 4.62 -14.08 -1.83
CA ALA A 204 4.07 -12.76 -1.48
C ALA A 204 4.33 -11.77 -2.62
N GLY A 205 3.79 -10.57 -2.50
CA GLY A 205 3.76 -9.62 -3.62
C GLY A 205 2.97 -8.37 -3.27
N SER A 206 3.17 -7.33 -4.08
CA SER A 206 2.50 -6.00 -3.94
C SER A 206 2.18 -5.51 -5.33
N LEU A 207 1.15 -4.68 -5.43
CA LEU A 207 0.87 -3.93 -6.67
C LEU A 207 0.25 -2.60 -6.26
N VAL A 208 0.82 -1.53 -6.77
CA VAL A 208 0.35 -0.14 -6.48
C VAL A 208 0.04 0.50 -7.81
N ILE A 209 -1.12 1.15 -7.91
CA ILE A 209 -1.53 1.93 -9.10
C ILE A 209 -1.75 3.35 -8.61
N MET A 210 -1.17 4.32 -9.31
CA MET A 210 -1.29 5.75 -8.94
C MET A 210 -1.79 6.54 -10.14
N ASP A 211 -2.61 7.56 -9.87
CA ASP A 211 -2.96 8.59 -10.87
C ASP A 211 -1.79 9.58 -10.91
N VAL A 212 -1.14 9.74 -12.05
CA VAL A 212 0.14 10.50 -12.08
C VAL A 212 -0.14 12.01 -11.98
N LYS A 213 -1.35 12.47 -12.31
CA LYS A 213 -1.77 13.89 -12.28
C LYS A 213 -2.21 14.33 -10.87
N THR A 214 -2.82 13.45 -10.08
CA THR A 214 -3.53 13.82 -8.82
C THR A 214 -2.82 13.32 -7.57
N GLY A 215 -1.84 12.40 -7.68
CA GLY A 215 -1.16 11.71 -6.58
C GLY A 215 -2.01 10.66 -5.87
N GLU A 216 -3.21 10.39 -6.39
CA GLU A 216 -4.16 9.39 -5.85
C GLU A 216 -3.66 7.97 -6.04
N ILE A 217 -3.74 7.20 -4.95
CA ILE A 217 -3.52 5.73 -4.99
C ILE A 217 -4.84 5.08 -5.39
N LEU A 218 -4.90 4.65 -6.64
CA LEU A 218 -6.12 4.07 -7.21
C LEU A 218 -6.30 2.61 -6.76
N ALA A 219 -5.20 1.88 -6.53
CA ALA A 219 -5.17 0.46 -6.09
C ALA A 219 -3.89 0.21 -5.32
N MET A 220 -4.02 -0.56 -4.26
CA MET A 220 -2.90 -1.08 -3.43
C MET A 220 -3.38 -2.43 -2.91
N THR A 221 -2.80 -3.51 -3.45
CA THR A 221 -3.11 -4.92 -3.08
C THR A 221 -1.80 -5.55 -2.62
N ASN A 222 -1.84 -6.28 -1.51
CA ASN A 222 -0.75 -7.16 -1.03
C ASN A 222 -1.28 -8.59 -0.98
N GLN A 223 -0.40 -9.55 -1.25
CA GLN A 223 -0.61 -11.00 -1.07
C GLN A 223 0.52 -11.48 -0.16
N PRO A 224 0.26 -12.39 0.82
CA PRO A 224 -1.08 -12.84 1.15
C PRO A 224 -2.00 -11.78 1.80
N THR A 225 -3.30 -11.97 1.63
CA THR A 225 -4.33 -11.07 2.22
C THR A 225 -5.17 -11.90 3.19
N TYR A 226 -6.17 -11.28 3.78
CA TYR A 226 -7.01 -11.86 4.84
C TYR A 226 -8.38 -11.21 4.77
N ASN A 227 -9.35 -11.87 5.37
CA ASN A 227 -10.73 -11.35 5.50
C ASN A 227 -10.80 -10.60 6.82
N PRO A 228 -10.92 -9.25 6.81
CA PRO A 228 -11.05 -8.47 8.02
C PRO A 228 -12.41 -8.69 8.70
N ASN A 229 -13.37 -9.38 8.06
CA ASN A 229 -14.67 -9.76 8.72
C ASN A 229 -14.54 -11.06 9.52
N ASN A 230 -13.43 -11.79 9.37
CA ASN A 230 -13.22 -13.03 10.13
C ASN A 230 -11.72 -13.15 10.46
N ARG A 231 -11.27 -12.55 11.56
CA ARG A 231 -9.83 -12.48 11.92
C ARG A 231 -9.46 -13.50 13.01
N ARG A 232 -10.08 -14.68 13.04
CA ARG A 232 -9.83 -15.67 14.13
C ARG A 232 -8.51 -16.40 13.83
N ASN A 233 -8.32 -16.91 12.62
CA ASN A 233 -7.16 -17.75 12.20
C ASN A 233 -6.09 -16.87 11.53
N LEU A 234 -5.87 -15.65 12.02
CA LEU A 234 -5.19 -14.57 11.25
C LEU A 234 -3.68 -14.59 11.51
N GLN A 235 -2.90 -15.03 10.50
CA GLN A 235 -1.42 -15.07 10.53
C GLN A 235 -0.87 -13.66 10.32
N PRO A 236 -0.01 -13.17 11.25
CA PRO A 236 0.70 -11.90 11.06
C PRO A 236 1.33 -11.62 9.68
N ALA A 237 1.69 -12.68 8.95
CA ALA A 237 2.18 -12.63 7.54
C ALA A 237 1.11 -12.07 6.60
N ALA A 238 -0.15 -12.48 6.77
CA ALA A 238 -1.28 -12.09 5.89
C ALA A 238 -1.64 -10.64 6.17
N MET A 239 -1.39 -10.17 7.40
CA MET A 239 -1.77 -8.81 7.87
C MET A 239 -0.76 -7.76 7.39
N ARG A 240 0.36 -8.19 6.81
CA ARG A 240 1.49 -7.29 6.48
C ARG A 240 1.13 -6.39 5.30
N ASN A 241 1.09 -5.07 5.51
CA ASN A 241 0.84 -4.14 4.38
C ASN A 241 2.17 -3.94 3.62
N ARG A 242 2.51 -4.86 2.69
CA ARG A 242 3.89 -5.00 2.12
C ARG A 242 4.26 -3.75 1.32
N ALA A 243 3.31 -3.21 0.53
CA ALA A 243 3.49 -2.03 -0.34
C ALA A 243 4.08 -0.85 0.43
N MET A 244 3.76 -0.70 1.71
CA MET A 244 4.13 0.48 2.56
C MET A 244 5.19 0.10 3.59
N ILE A 245 5.49 -1.19 3.75
CA ILE A 245 6.35 -1.65 4.88
C ILE A 245 7.63 -2.33 4.35
N ASP A 246 7.54 -3.21 3.37
CA ASP A 246 8.72 -3.96 2.85
C ASP A 246 9.68 -2.96 2.20
N VAL A 247 10.94 -2.92 2.64
CA VAL A 247 11.94 -2.02 2.00
C VAL A 247 12.97 -2.90 1.31
N PHE A 248 13.41 -2.46 0.14
CA PHE A 248 14.27 -3.23 -0.78
C PHE A 248 15.14 -2.23 -1.58
N GLU A 249 16.27 -2.72 -2.06
CA GLU A 249 17.16 -2.05 -3.03
C GLU A 249 16.50 -2.14 -4.38
N PRO A 250 16.14 -1.00 -4.98
CA PRO A 250 15.26 -1.01 -6.16
C PRO A 250 15.99 -1.44 -7.44
N GLY A 251 17.33 -1.54 -7.36
CA GLY A 251 18.13 -1.89 -8.54
C GLY A 251 17.74 -1.08 -9.76
N SER A 252 17.64 -1.74 -10.91
CA SER A 252 17.64 -1.09 -12.23
C SER A 252 16.40 -0.19 -12.36
N THR A 253 15.39 -0.35 -11.54
CA THR A 253 14.16 0.49 -11.60
C THR A 253 14.45 1.95 -11.20
N VAL A 254 15.59 2.29 -10.61
CA VAL A 254 15.87 3.74 -10.39
C VAL A 254 16.83 4.29 -11.44
N LYS A 255 17.28 3.50 -12.40
CA LYS A 255 18.18 4.00 -13.46
C LYS A 255 17.56 5.14 -14.27
N PRO A 256 16.23 5.27 -14.42
CA PRO A 256 15.65 6.45 -15.08
C PRO A 256 15.96 7.75 -14.36
N PHE A 257 16.11 7.69 -13.04
CA PHE A 257 16.42 8.89 -12.23
C PHE A 257 17.89 9.21 -12.40
N SER A 258 18.75 8.20 -12.50
CA SER A 258 20.17 8.39 -12.81
C SER A 258 20.29 9.06 -14.19
N MET A 259 19.51 8.58 -15.16
CA MET A 259 19.55 9.09 -16.55
C MET A 259 18.99 10.53 -16.58
N SER A 260 17.98 10.81 -15.76
CA SER A 260 17.39 12.19 -15.65
C SER A 260 18.48 13.16 -15.21
N ALA A 261 19.26 12.79 -14.21
CA ALA A 261 20.42 13.59 -13.75
C ALA A 261 21.43 13.75 -14.91
N ALA A 262 21.69 12.69 -15.69
CA ALA A 262 22.68 12.70 -16.81
C ALA A 262 22.23 13.70 -17.87
N LEU A 263 20.95 13.70 -18.20
CA LEU A 263 20.42 14.55 -19.26
C LEU A 263 20.27 16.01 -18.78
N ALA A 264 20.22 16.26 -17.47
CA ALA A 264 20.09 17.62 -16.89
C ALA A 264 21.48 18.20 -16.68
N SER A 265 22.53 17.40 -16.80
CA SER A 265 23.92 17.83 -16.51
C SER A 265 24.45 18.79 -17.59
N GLY A 266 23.96 18.72 -18.82
CA GLY A 266 24.54 19.41 -19.99
C GLY A 266 25.57 18.56 -20.71
N ARG A 267 25.91 17.37 -20.20
CA ARG A 267 27.06 16.57 -20.67
C ARG A 267 26.60 15.34 -21.45
N TRP A 268 25.31 15.06 -21.52
CA TRP A 268 24.79 13.78 -22.09
C TRP A 268 23.54 14.02 -22.94
N LYS A 269 23.42 13.30 -24.04
CA LYS A 269 22.18 13.20 -24.83
C LYS A 269 21.92 11.74 -25.12
N PRO A 270 20.67 11.36 -25.49
CA PRO A 270 20.31 9.97 -25.69
C PRO A 270 21.17 9.24 -26.72
N SER A 271 21.66 9.92 -27.76
CA SER A 271 22.42 9.27 -28.86
C SER A 271 23.92 9.16 -28.48
N ASP A 272 24.36 9.68 -27.32
CA ASP A 272 25.74 9.46 -26.87
C ASP A 272 25.98 7.97 -26.66
N ILE A 273 27.24 7.58 -26.78
CA ILE A 273 27.66 6.16 -26.79
C ILE A 273 28.56 5.93 -25.58
N VAL A 274 28.41 4.82 -24.88
CA VAL A 274 29.39 4.38 -23.86
C VAL A 274 29.90 2.98 -24.26
N ASP A 275 31.22 2.79 -24.21
CA ASP A 275 31.87 1.47 -24.37
C ASP A 275 31.76 0.71 -23.05
N VAL A 276 31.00 -0.39 -22.99
CA VAL A 276 30.83 -1.18 -21.73
C VAL A 276 31.61 -2.50 -21.80
N TYR A 277 32.40 -2.70 -22.86
CA TYR A 277 33.21 -3.94 -23.05
C TYR A 277 34.26 -3.95 -21.94
N PRO A 278 34.59 -5.10 -21.32
CA PRO A 278 34.01 -6.41 -21.65
C PRO A 278 32.88 -6.83 -20.72
N GLY A 279 32.09 -5.87 -20.23
CA GLY A 279 30.99 -6.14 -19.32
C GLY A 279 31.45 -6.10 -17.87
N THR A 280 32.66 -5.62 -17.63
CA THR A 280 33.20 -5.48 -16.26
C THR A 280 33.95 -4.17 -16.22
N LEU A 281 33.99 -3.54 -15.04
CA LEU A 281 34.78 -2.32 -14.82
C LEU A 281 35.43 -2.41 -13.44
N GLN A 282 36.75 -2.36 -13.40
CA GLN A 282 37.49 -2.40 -12.11
C GLN A 282 37.56 -0.97 -11.60
N ILE A 283 37.07 -0.74 -10.39
CA ILE A 283 37.27 0.55 -9.69
C ILE A 283 38.01 0.29 -8.37
N GLY A 284 39.35 0.39 -8.44
CA GLY A 284 40.26 0.08 -7.34
C GLY A 284 40.25 -1.40 -7.05
N ARG A 285 39.74 -1.78 -5.88
CA ARG A 285 39.67 -3.18 -5.40
C ARG A 285 38.36 -3.81 -5.86
N TYR A 286 37.36 -2.99 -6.18
CA TYR A 286 35.98 -3.43 -6.57
C TYR A 286 35.89 -3.62 -8.08
N THR A 287 35.07 -4.58 -8.52
CA THR A 287 34.78 -4.83 -9.96
C THR A 287 33.26 -4.75 -10.19
N ILE A 288 32.81 -3.79 -10.98
CA ILE A 288 31.38 -3.70 -11.41
C ILE A 288 31.20 -4.71 -12.54
N ARG A 289 30.16 -5.52 -12.45
CA ARG A 289 29.96 -6.66 -13.39
C ARG A 289 28.54 -6.57 -13.93
N ASP A 290 28.39 -6.61 -15.24
CA ASP A 290 27.07 -6.46 -15.90
C ASP A 290 26.38 -7.82 -15.92
N VAL A 291 25.06 -7.78 -15.83
CA VAL A 291 24.15 -8.96 -15.90
C VAL A 291 24.24 -9.59 -17.29
N SER A 292 24.40 -8.83 -18.36
CA SER A 292 24.68 -9.41 -19.68
C SER A 292 25.96 -8.76 -20.21
N ARG A 293 26.90 -9.55 -20.73
CA ARG A 293 28.28 -9.10 -21.07
C ARG A 293 28.58 -9.38 -22.54
N ASN A 294 27.66 -9.02 -23.44
CA ASN A 294 27.77 -9.26 -24.90
C ASN A 294 27.81 -7.92 -25.66
N SER A 295 28.21 -6.81 -25.02
CA SER A 295 28.16 -5.45 -25.62
C SER A 295 29.53 -4.75 -25.60
N ARG A 296 29.73 -3.86 -26.57
CA ARG A 296 30.81 -2.86 -26.56
C ARG A 296 30.12 -1.48 -26.53
N GLN A 297 29.93 -0.84 -27.68
CA GLN A 297 29.22 0.48 -27.70
C GLN A 297 27.71 0.28 -27.49
N LEU A 298 27.13 1.08 -26.60
CA LEU A 298 25.67 1.19 -26.33
C LEU A 298 25.33 2.68 -26.32
N ASP A 299 24.17 3.03 -26.85
CA ASP A 299 23.64 4.41 -26.65
C ASP A 299 22.91 4.41 -25.29
N LEU A 300 22.45 5.58 -24.83
CA LEU A 300 21.93 5.70 -23.46
C LEU A 300 20.71 4.82 -23.35
N THR A 301 19.89 4.70 -24.40
CA THR A 301 18.70 3.84 -24.37
C THR A 301 19.15 2.38 -24.21
N GLY A 302 20.16 1.98 -24.96
CA GLY A 302 20.70 0.60 -24.89
C GLY A 302 21.22 0.31 -23.50
N ILE A 303 21.76 1.31 -22.82
CA ILE A 303 22.30 1.09 -21.44
C ILE A 303 21.12 0.68 -20.56
N LEU A 304 19.98 1.34 -20.75
CA LEU A 304 18.72 1.01 -20.01
C LEU A 304 18.21 -0.35 -20.45
N ILE A 305 18.09 -0.60 -21.75
CA ILE A 305 17.48 -1.87 -22.25
C ILE A 305 18.30 -3.04 -21.70
N LYS A 306 19.63 -2.96 -21.79
CA LYS A 306 20.55 -4.03 -21.32
C LYS A 306 20.71 -4.01 -19.79
N SER A 307 20.24 -2.97 -19.10
CA SER A 307 20.51 -2.73 -17.66
C SER A 307 22.02 -2.88 -17.35
N SER A 308 22.89 -2.36 -18.21
CA SER A 308 24.37 -2.30 -18.00
C SER A 308 24.72 -1.43 -16.78
N ASN A 309 25.27 -2.05 -15.73
CA ASN A 309 25.77 -1.32 -14.55
C ASN A 309 27.10 -0.63 -14.89
N VAL A 310 27.90 -1.19 -15.81
CA VAL A 310 29.16 -0.55 -16.28
C VAL A 310 28.76 0.78 -16.96
N GLY A 311 27.77 0.72 -17.87
CA GLY A 311 27.29 1.88 -18.63
C GLY A 311 26.83 3.01 -17.73
N ILE A 312 25.91 2.72 -16.80
CA ILE A 312 25.31 3.75 -15.91
C ILE A 312 26.38 4.24 -14.91
N SER A 313 27.29 3.37 -14.49
CA SER A 313 28.45 3.73 -13.64
C SER A 313 29.35 4.75 -14.32
N LYS A 314 29.71 4.56 -15.60
CA LYS A 314 30.63 5.50 -16.31
C LYS A 314 29.95 6.87 -16.44
N ILE A 315 28.64 6.91 -16.70
CA ILE A 315 27.86 8.19 -16.77
C ILE A 315 27.85 8.86 -15.38
N ALA A 316 27.59 8.08 -14.32
CA ALA A 316 27.55 8.58 -12.92
C ALA A 316 28.92 9.17 -12.55
N PHE A 317 30.02 8.49 -12.87
CA PHE A 317 31.38 9.02 -12.60
C PHE A 317 31.55 10.35 -13.33
N ASP A 318 30.99 10.49 -14.54
CA ASP A 318 31.16 11.73 -15.34
C ASP A 318 30.34 12.86 -14.71
N ILE A 319 29.13 12.60 -14.22
CA ILE A 319 28.25 13.72 -13.76
C ILE A 319 28.39 13.93 -12.24
N GLY A 320 28.85 12.94 -11.49
CA GLY A 320 28.90 13.02 -10.02
C GLY A 320 27.64 12.51 -9.33
N ALA A 321 27.81 11.80 -8.22
CA ALA A 321 26.71 11.17 -7.45
C ALA A 321 25.77 12.25 -6.91
N GLU A 322 26.30 13.43 -6.60
CA GLU A 322 25.47 14.52 -6.01
C GLU A 322 24.26 14.80 -6.91
N SER A 323 24.43 14.94 -8.23
CA SER A 323 23.31 15.24 -9.16
C SER A 323 22.27 14.09 -9.07
N ILE A 324 22.71 12.84 -8.96
CA ILE A 324 21.81 11.64 -8.93
C ILE A 324 21.04 11.62 -7.59
N TYR A 325 21.78 11.80 -6.52
CA TYR A 325 21.23 11.85 -5.13
C TYR A 325 20.11 12.88 -5.10
N SER A 326 20.35 14.03 -5.73
CA SER A 326 19.41 15.17 -5.67
C SER A 326 18.11 14.82 -6.39
N VAL A 327 18.17 14.18 -7.57
CA VAL A 327 16.96 13.76 -8.30
C VAL A 327 16.20 12.71 -7.46
N MET A 328 16.92 11.74 -6.92
CA MET A 328 16.28 10.63 -6.14
C MET A 328 15.61 11.19 -4.89
N GLN A 329 16.24 12.13 -4.21
CA GLN A 329 15.64 12.86 -3.05
C GLN A 329 14.38 13.62 -3.47
N GLN A 330 14.46 14.39 -4.56
CA GLN A 330 13.34 15.25 -5.05
C GLN A 330 12.13 14.40 -5.49
N VAL A 331 12.34 13.20 -6.00
CA VAL A 331 11.17 12.33 -6.36
C VAL A 331 10.68 11.50 -5.15
N GLY A 332 11.28 11.68 -3.96
CA GLY A 332 10.75 11.19 -2.68
C GLY A 332 11.37 9.87 -2.25
N LEU A 333 12.39 9.36 -2.93
CA LEU A 333 13.01 8.03 -2.62
C LEU A 333 13.68 8.16 -1.25
N GLY A 334 13.39 7.23 -0.32
CA GLY A 334 13.92 7.30 1.06
C GLY A 334 13.36 8.42 1.91
N GLN A 335 12.20 9.01 1.54
CA GLN A 335 11.57 10.16 2.25
C GLN A 335 10.19 9.74 2.78
N ASP A 336 9.74 10.37 3.87
CA ASP A 336 8.39 10.21 4.46
C ASP A 336 7.35 10.45 3.36
N THR A 337 6.34 9.61 3.23
CA THR A 337 5.30 9.71 2.16
C THR A 337 4.21 10.68 2.60
N GLY A 338 4.10 10.89 3.91
CA GLY A 338 3.08 11.72 4.56
C GLY A 338 1.71 11.09 4.60
N LEU A 339 1.55 9.78 4.40
CA LEU A 339 0.20 9.16 4.42
C LEU A 339 -0.28 8.82 5.85
N GLY A 340 0.61 8.66 6.82
CA GLY A 340 0.21 8.39 8.22
C GLY A 340 -0.31 6.99 8.45
N PHE A 341 0.06 6.01 7.62
CA PHE A 341 -0.29 4.59 7.86
C PHE A 341 0.66 4.09 8.95
N PRO A 342 0.19 3.18 9.80
CA PRO A 342 0.95 2.76 10.98
C PRO A 342 2.12 1.87 10.54
N GLY A 343 3.30 2.08 11.09
CA GLY A 343 4.51 1.34 10.66
C GLY A 343 4.84 1.44 9.15
N GLU A 344 4.30 2.43 8.43
CA GLU A 344 4.94 2.91 7.18
C GLU A 344 6.46 3.01 7.41
N ARG A 345 7.29 2.36 6.59
CA ARG A 345 8.78 2.47 6.63
C ARG A 345 9.23 3.51 5.58
N VAL A 346 10.34 4.22 5.86
CA VAL A 346 10.80 5.38 5.03
C VAL A 346 11.94 4.92 4.09
N GLY A 347 12.55 3.76 4.40
CA GLY A 347 13.77 3.27 3.74
C GLY A 347 14.94 4.20 3.97
N ASN A 348 15.89 4.27 3.03
CA ASN A 348 17.20 4.91 3.26
C ASN A 348 17.78 5.41 1.93
N LEU A 349 17.94 6.72 1.79
CA LEU A 349 18.74 7.35 0.70
C LEU A 349 20.02 7.89 1.33
N PRO A 350 21.13 7.14 1.27
CA PRO A 350 22.32 7.49 2.03
C PRO A 350 22.96 8.76 1.43
N ASN A 351 23.45 9.66 2.28
CA ASN A 351 24.16 10.87 1.82
C ASN A 351 25.61 10.83 2.28
N HIS A 352 26.46 11.56 1.55
CA HIS A 352 27.91 11.67 1.76
C HIS A 352 28.35 13.11 1.48
N ARG A 353 29.48 13.50 2.08
CA ARG A 353 30.23 14.72 1.69
C ARG A 353 31.00 14.33 0.43
N LYS A 354 31.78 13.27 0.58
CA LYS A 354 32.71 12.74 -0.45
C LYS A 354 32.09 11.46 -0.98
N TRP A 355 31.72 11.42 -2.25
CA TRP A 355 31.16 10.21 -2.88
C TRP A 355 32.27 9.46 -3.61
N PRO A 356 32.81 8.37 -3.03
CA PRO A 356 33.79 7.57 -3.74
C PRO A 356 33.11 6.86 -4.91
N LYS A 357 33.94 6.36 -5.83
CA LYS A 357 33.52 5.61 -7.04
C LYS A 357 32.58 4.46 -6.67
N ALA A 358 32.86 3.68 -5.65
CA ALA A 358 32.04 2.50 -5.33
C ALA A 358 30.61 2.94 -4.99
N GLU A 359 30.46 3.90 -4.09
CA GLU A 359 29.13 4.35 -3.57
C GLU A 359 28.39 5.10 -4.69
N THR A 360 29.13 5.79 -5.57
CA THR A 360 28.55 6.56 -6.70
C THR A 360 27.87 5.55 -7.64
N ALA A 361 28.61 4.52 -8.05
CA ALA A 361 28.14 3.44 -8.94
C ALA A 361 26.91 2.77 -8.33
N THR A 362 26.99 2.33 -7.07
CA THR A 362 25.90 1.54 -6.45
C THR A 362 24.64 2.39 -6.30
N LEU A 363 24.77 3.70 -6.04
CA LEU A 363 23.58 4.58 -6.06
C LEU A 363 22.97 4.62 -7.47
N ALA A 364 23.80 4.85 -8.50
CA ALA A 364 23.37 5.02 -9.91
C ALA A 364 22.62 3.77 -10.40
N TYR A 365 23.06 2.56 -10.07
CA TYR A 365 22.32 1.34 -10.50
C TYR A 365 21.43 0.76 -9.39
N GLY A 366 21.19 1.51 -8.31
CA GLY A 366 20.06 1.25 -7.41
C GLY A 366 20.30 0.19 -6.35
N TYR A 367 21.56 -0.15 -6.04
CA TYR A 367 21.89 -1.01 -4.88
C TYR A 367 22.38 -0.12 -3.73
N GLY A 368 22.44 1.19 -3.95
CA GLY A 368 22.95 2.13 -2.95
C GLY A 368 21.88 2.85 -2.17
N LEU A 369 20.67 2.27 -2.08
CA LEU A 369 19.54 2.90 -1.36
C LEU A 369 18.46 1.81 -1.16
N SER A 370 17.49 2.07 -0.30
CA SER A 370 16.32 1.16 -0.17
C SER A 370 15.03 1.98 -0.06
N VAL A 371 13.99 1.43 -0.63
CA VAL A 371 12.69 2.13 -0.84
C VAL A 371 11.56 1.11 -0.63
N THR A 372 10.33 1.62 -0.61
CA THR A 372 9.08 0.84 -0.55
C THR A 372 8.46 0.89 -1.93
N ALA A 373 7.53 -0.01 -2.24
CA ALA A 373 6.83 -0.02 -3.53
C ALA A 373 6.07 1.32 -3.71
N ILE A 374 5.48 1.86 -2.65
CA ILE A 374 4.72 3.13 -2.69
C ILE A 374 5.69 4.26 -3.10
N GLN A 375 6.89 4.35 -2.51
CA GLN A 375 7.88 5.41 -2.88
C GLN A 375 8.24 5.26 -4.36
N LEU A 376 8.50 4.05 -4.81
CA LEU A 376 8.91 3.83 -6.19
C LEU A 376 7.79 4.32 -7.13
N ALA A 377 6.55 3.97 -6.84
CA ALA A 377 5.42 4.32 -7.71
C ALA A 377 5.29 5.84 -7.74
N HIS A 378 5.52 6.49 -6.60
CA HIS A 378 5.40 7.96 -6.46
C HIS A 378 6.49 8.63 -7.30
N ALA A 379 7.68 8.05 -7.32
CA ALA A 379 8.80 8.56 -8.14
C ALA A 379 8.46 8.37 -9.63
N TYR A 380 7.93 7.21 -10.01
CA TYR A 380 7.49 6.97 -11.41
C TYR A 380 6.32 7.92 -11.75
N ALA A 381 5.44 8.23 -10.80
CA ALA A 381 4.35 9.21 -11.08
C ALA A 381 4.92 10.57 -11.49
N ALA A 382 5.92 11.07 -10.77
CA ALA A 382 6.56 12.39 -10.99
C ALA A 382 7.14 12.41 -12.42
N LEU A 383 7.91 11.39 -12.79
CA LEU A 383 8.52 11.28 -14.14
C LEU A 383 7.41 11.25 -15.22
N ALA A 384 6.36 10.46 -14.98
CA ALA A 384 5.22 10.32 -15.90
C ALA A 384 4.40 11.62 -16.01
N ASN A 385 4.30 12.35 -14.92
CA ASN A 385 3.53 13.63 -14.89
C ASN A 385 4.44 14.75 -15.41
N ASP A 386 5.17 14.47 -16.49
CA ASP A 386 6.17 15.36 -17.16
C ASP A 386 7.08 16.06 -16.13
N GLY A 387 7.54 15.33 -15.13
CA GLY A 387 8.54 15.84 -14.18
C GLY A 387 7.96 16.52 -12.96
N LYS A 388 6.64 16.60 -12.81
CA LYS A 388 6.00 17.31 -11.66
C LYS A 388 5.53 16.32 -10.59
N SER A 389 6.09 16.45 -9.40
CA SER A 389 5.70 15.67 -8.20
C SER A 389 4.38 16.22 -7.63
N VAL A 390 3.49 15.35 -7.22
CA VAL A 390 2.22 15.70 -6.53
C VAL A 390 2.22 14.85 -5.29
N PRO A 391 1.81 15.38 -4.12
CA PRO A 391 1.83 14.58 -2.90
C PRO A 391 0.91 13.35 -3.04
N LEU A 392 1.37 12.23 -2.51
CA LEU A 392 0.57 10.99 -2.40
C LEU A 392 -0.71 11.29 -1.66
N SER A 393 -1.82 10.66 -2.06
CA SER A 393 -3.06 10.72 -1.29
C SER A 393 -3.76 9.35 -1.31
N MET A 394 -4.28 8.94 -0.16
CA MET A 394 -5.14 7.74 -0.03
C MET A 394 -6.61 8.16 0.05
N THR A 395 -6.90 9.46 -0.05
CA THR A 395 -8.29 9.99 -0.07
C THR A 395 -8.55 10.67 -1.41
N ARG A 396 -9.82 10.72 -1.81
CA ARG A 396 -10.22 11.29 -3.12
C ARG A 396 -9.75 12.75 -3.18
N VAL A 397 -9.04 13.10 -4.26
CA VAL A 397 -8.52 14.46 -4.56
C VAL A 397 -9.52 15.14 -5.48
N ASP A 398 -10.12 16.24 -5.03
CA ASP A 398 -11.08 17.04 -5.82
C ASP A 398 -10.32 18.25 -6.40
N ARG A 399 -9.48 18.91 -5.60
CA ARG A 399 -8.63 20.03 -6.02
C ARG A 399 -7.19 19.53 -6.01
N VAL A 400 -6.56 19.43 -7.17
CA VAL A 400 -5.19 18.88 -7.26
C VAL A 400 -4.24 19.90 -6.65
N PRO A 401 -3.33 19.53 -5.72
CA PRO A 401 -2.29 20.43 -5.28
C PRO A 401 -1.39 20.90 -6.43
N ASP A 402 -0.70 22.02 -6.23
CA ASP A 402 0.21 22.58 -7.28
C ASP A 402 1.36 21.60 -7.55
N GLY A 403 1.91 20.98 -6.52
CA GLY A 403 3.06 20.09 -6.77
C GLY A 403 4.27 20.81 -7.33
N VAL A 404 5.38 20.09 -7.48
CA VAL A 404 6.76 20.67 -7.59
C VAL A 404 7.36 20.17 -8.89
N GLN A 405 7.90 21.08 -9.72
CA GLN A 405 8.60 20.66 -10.95
C GLN A 405 9.97 20.14 -10.51
N VAL A 406 10.17 18.83 -10.38
CA VAL A 406 11.45 18.27 -9.83
C VAL A 406 12.35 17.83 -10.98
N ILE A 407 11.79 17.49 -12.13
CA ILE A 407 12.59 17.21 -13.36
C ILE A 407 12.01 18.11 -14.45
N SER A 408 12.84 18.74 -15.28
CA SER A 408 12.34 19.61 -16.37
C SER A 408 11.44 18.80 -17.27
N PRO A 409 10.34 19.39 -17.80
CA PRO A 409 9.42 18.67 -18.69
C PRO A 409 10.14 18.04 -19.88
N GLU A 410 11.17 18.69 -20.39
CA GLU A 410 11.96 18.22 -21.56
C GLU A 410 12.75 16.93 -21.22
N VAL A 411 13.49 16.93 -20.12
CA VAL A 411 14.22 15.71 -19.64
C VAL A 411 13.18 14.62 -19.38
N ALA A 412 12.07 14.95 -18.72
CA ALA A 412 11.05 13.95 -18.33
C ALA A 412 10.52 13.31 -19.61
N SER A 413 10.20 14.14 -20.59
CA SER A 413 9.73 13.69 -21.91
C SER A 413 10.76 12.74 -22.56
N THR A 414 12.03 13.13 -22.58
CA THR A 414 13.14 12.30 -23.16
C THR A 414 13.20 10.97 -22.41
N VAL A 415 13.18 10.97 -21.08
CA VAL A 415 13.28 9.74 -20.28
C VAL A 415 12.04 8.86 -20.50
N GLN A 416 10.85 9.43 -20.60
CA GLN A 416 9.62 8.68 -20.95
C GLN A 416 9.82 7.89 -22.25
N GLY A 417 10.40 8.54 -23.25
CA GLY A 417 10.59 7.96 -24.61
C GLY A 417 11.60 6.83 -24.53
N MET A 418 12.59 6.98 -23.65
CA MET A 418 13.61 5.92 -23.41
C MET A 418 12.95 4.71 -22.78
N LEU A 419 12.11 4.91 -21.77
CA LEU A 419 11.37 3.81 -21.13
C LEU A 419 10.39 3.16 -22.10
N GLN A 420 9.81 3.90 -23.04
CA GLN A 420 8.87 3.32 -24.04
C GLN A 420 9.65 2.31 -24.93
N GLN A 421 10.84 2.71 -25.37
CA GLN A 421 11.84 1.83 -26.06
C GLN A 421 12.21 0.64 -25.17
N VAL A 422 12.41 0.81 -23.87
CA VAL A 422 12.74 -0.36 -23.02
C VAL A 422 11.66 -1.43 -23.19
N VAL A 423 10.41 -1.04 -23.31
CA VAL A 423 9.27 -1.99 -23.38
C VAL A 423 9.09 -2.52 -24.82
N GLU A 424 9.34 -1.69 -25.83
CA GLU A 424 8.83 -1.94 -27.19
C GLU A 424 9.98 -2.02 -28.22
N ALA A 425 11.23 -1.73 -27.87
CA ALA A 425 12.38 -1.88 -28.82
C ALA A 425 12.76 -3.36 -28.93
N GLN A 426 13.49 -3.70 -30.01
CA GLN A 426 14.11 -5.05 -30.21
C GLN A 426 15.14 -5.26 -29.08
N GLY A 427 15.06 -6.36 -28.34
CA GLY A 427 15.88 -6.66 -27.15
C GLY A 427 15.18 -6.29 -25.83
N GLY A 428 14.02 -5.60 -25.90
CA GLY A 428 13.34 -5.00 -24.74
C GLY A 428 12.41 -5.96 -24.02
N VAL A 429 11.74 -5.46 -22.98
CA VAL A 429 10.79 -6.24 -22.12
C VAL A 429 9.44 -6.33 -22.86
N PHE A 430 9.27 -7.28 -23.78
CA PHE A 430 8.06 -7.42 -24.63
C PHE A 430 6.84 -7.80 -23.78
N ARG A 431 7.01 -8.56 -22.69
CA ARG A 431 5.93 -9.06 -21.82
C ARG A 431 5.25 -7.94 -21.01
N ALA A 432 5.81 -6.73 -21.02
CA ALA A 432 5.20 -5.55 -20.37
C ALA A 432 4.38 -4.76 -21.40
N GLN A 433 4.54 -5.07 -22.68
CA GLN A 433 3.72 -4.37 -23.71
C GLN A 433 2.25 -4.51 -23.29
N VAL A 434 1.49 -3.45 -23.52
CA VAL A 434 0.10 -3.33 -22.99
C VAL A 434 -0.82 -3.46 -24.19
N PRO A 435 -1.67 -4.52 -24.22
CA PRO A 435 -2.59 -4.75 -25.33
C PRO A 435 -3.49 -3.51 -25.50
N GLY A 436 -3.33 -2.81 -26.62
CA GLY A 436 -4.12 -1.61 -26.97
C GLY A 436 -3.33 -0.33 -26.93
N TYR A 437 -2.38 -0.22 -25.99
CA TYR A 437 -1.61 1.03 -25.74
C TYR A 437 -0.10 0.77 -25.80
N HIS A 438 0.65 1.87 -25.97
CA HIS A 438 2.11 2.06 -25.76
C HIS A 438 2.38 2.30 -24.27
N ALA A 439 3.12 1.40 -23.64
CA ALA A 439 3.56 1.47 -22.23
C ALA A 439 5.07 1.78 -22.15
N ALA A 440 5.53 2.18 -20.98
CA ALA A 440 6.93 2.57 -20.67
C ALA A 440 7.27 2.02 -19.29
N GLY A 441 8.49 1.55 -19.09
CA GLY A 441 8.86 1.08 -17.74
C GLY A 441 10.20 0.35 -17.74
N LYS A 442 10.54 -0.22 -16.58
CA LYS A 442 11.84 -0.89 -16.37
C LYS A 442 11.63 -2.00 -15.37
N SER A 443 12.21 -3.18 -15.66
CA SER A 443 12.23 -4.33 -14.73
C SER A 443 13.43 -4.13 -13.83
N GLY A 444 13.43 -4.80 -12.69
CA GLY A 444 14.61 -4.90 -11.84
C GLY A 444 14.59 -6.13 -10.96
N THR A 445 15.72 -6.45 -10.38
CA THR A 445 15.90 -7.50 -9.37
C THR A 445 16.23 -6.80 -8.07
N ALA A 446 15.30 -6.85 -7.11
CA ALA A 446 15.48 -6.20 -5.80
C ALA A 446 16.20 -7.16 -4.86
N ARG A 447 16.93 -6.60 -3.90
CA ARG A 447 17.53 -7.32 -2.74
C ARG A 447 16.83 -6.76 -1.48
N LYS A 448 16.18 -7.60 -0.66
CA LYS A 448 15.54 -7.22 0.64
C LYS A 448 16.58 -6.60 1.57
N VAL A 449 16.13 -5.72 2.50
CA VAL A 449 16.95 -4.98 3.51
C VAL A 449 16.29 -5.13 4.91
N GLU A 458 20.30 -13.98 4.21
CA GLU A 458 20.33 -12.50 4.42
C GLU A 458 20.29 -11.74 3.07
N ASN A 459 20.24 -12.45 1.93
CA ASN A 459 20.12 -11.88 0.56
C ASN A 459 18.86 -12.40 -0.13
N ALA A 460 17.69 -11.82 0.17
CA ALA A 460 16.38 -12.19 -0.41
C ALA A 460 16.16 -11.36 -1.68
N TYR A 461 15.45 -11.90 -2.68
CA TYR A 461 15.29 -11.33 -4.04
C TYR A 461 13.83 -11.26 -4.47
N ARG A 462 13.47 -10.11 -5.05
CA ARG A 462 12.12 -9.81 -5.61
C ARG A 462 12.23 -9.43 -7.08
N SER A 463 11.24 -9.79 -7.85
CA SER A 463 11.04 -9.30 -9.22
C SER A 463 10.25 -7.98 -9.14
N LEU A 464 10.78 -6.92 -9.75
CA LEU A 464 10.15 -5.57 -9.83
C LEU A 464 9.79 -5.27 -11.27
N PHE A 465 8.67 -4.61 -11.46
CA PHE A 465 8.40 -3.85 -12.68
C PHE A 465 7.77 -2.52 -12.29
N ALA A 466 8.30 -1.45 -12.86
CA ALA A 466 7.82 -0.07 -12.61
C ALA A 466 7.60 0.57 -13.95
N GLY A 467 6.47 1.23 -14.12
CA GLY A 467 6.12 1.75 -15.43
C GLY A 467 4.92 2.66 -15.39
N PHE A 468 4.53 3.14 -16.56
CA PHE A 468 3.37 4.04 -16.69
C PHE A 468 2.85 3.92 -18.11
N ALA A 469 1.65 4.43 -18.30
CA ALA A 469 0.99 4.42 -19.60
C ALA A 469 -0.15 5.42 -19.55
N PRO A 470 -0.59 5.93 -20.71
CA PRO A 470 0.06 5.67 -22.00
C PRO A 470 1.39 6.42 -22.13
N ALA A 471 2.36 5.86 -22.88
CA ALA A 471 3.78 6.28 -22.86
C ALA A 471 3.91 7.74 -23.32
N THR A 472 3.10 8.15 -24.30
CA THR A 472 3.21 9.47 -24.96
C THR A 472 2.45 10.52 -24.17
N ASP A 473 1.50 10.12 -23.32
CA ASP A 473 0.59 11.04 -22.59
C ASP A 473 0.15 10.43 -21.24
N PRO A 474 1.09 10.16 -20.31
CA PRO A 474 0.83 9.22 -19.24
C PRO A 474 -0.32 9.59 -18.30
N ARG A 475 -1.05 8.59 -17.82
CA ARG A 475 -2.18 8.77 -16.87
C ARG A 475 -1.93 7.97 -15.60
N ILE A 476 -1.35 6.76 -15.71
CA ILE A 476 -1.28 5.79 -14.60
C ILE A 476 0.17 5.36 -14.47
N ALA A 477 0.62 5.21 -13.23
CA ALA A 477 1.94 4.65 -12.87
C ALA A 477 1.68 3.40 -12.07
N MET A 478 2.54 2.42 -12.19
CA MET A 478 2.27 1.14 -11.54
C MET A 478 3.58 0.52 -11.10
N VAL A 479 3.60 -0.09 -9.93
CA VAL A 479 4.72 -0.94 -9.46
C VAL A 479 4.16 -2.31 -9.13
N VAL A 480 4.79 -3.35 -9.68
CA VAL A 480 4.55 -4.78 -9.30
C VAL A 480 5.77 -5.32 -8.56
N VAL A 481 5.58 -5.88 -7.37
CA VAL A 481 6.66 -6.58 -6.61
C VAL A 481 6.24 -8.04 -6.40
N ILE A 482 7.07 -9.00 -6.77
CA ILE A 482 6.79 -10.46 -6.55
C ILE A 482 7.98 -11.04 -5.81
N ASP A 483 7.81 -11.47 -4.57
CA ASP A 483 8.90 -12.05 -3.74
C ASP A 483 9.18 -13.47 -4.22
N GLU A 484 10.46 -13.80 -4.47
CA GLU A 484 10.96 -15.20 -4.59
C GLU A 484 10.08 -16.01 -5.54
N PRO A 485 10.00 -15.64 -6.84
CA PRO A 485 9.29 -16.46 -7.84
C PRO A 485 9.97 -17.82 -8.11
N SER A 486 9.26 -18.92 -7.85
CA SER A 486 9.75 -20.32 -8.01
C SER A 486 8.74 -21.17 -8.78
N GLY A 493 12.45 -9.31 -15.91
CA GLY A 493 11.20 -8.94 -16.61
C GLY A 493 10.64 -10.12 -17.39
N LEU A 494 10.48 -11.25 -16.72
CA LEU A 494 9.70 -12.43 -17.20
C LEU A 494 8.52 -12.64 -16.25
N VAL A 495 8.63 -12.09 -15.03
CA VAL A 495 7.82 -12.44 -13.83
C VAL A 495 6.84 -11.30 -13.53
N SER A 496 7.36 -10.10 -13.29
CA SER A 496 6.56 -8.93 -12.85
C SER A 496 5.89 -8.26 -14.06
N ALA A 497 6.58 -8.24 -15.22
CA ALA A 497 6.22 -7.51 -16.44
C ALA A 497 4.87 -7.92 -17.04
N PRO A 498 4.50 -9.24 -17.11
CA PRO A 498 3.20 -9.64 -17.65
C PRO A 498 2.02 -9.20 -16.76
N VAL A 499 2.25 -9.18 -15.44
CA VAL A 499 1.25 -8.67 -14.46
C VAL A 499 0.97 -7.19 -14.74
N PHE A 500 2.03 -6.40 -14.91
CA PHE A 500 1.92 -4.96 -15.27
C PHE A 500 1.11 -4.85 -16.56
N SER A 501 1.43 -5.68 -17.56
CA SER A 501 0.72 -5.67 -18.86
C SER A 501 -0.80 -5.79 -18.65
N LYS A 502 -1.24 -6.77 -17.86
CA LYS A 502 -2.66 -7.18 -17.71
C LYS A 502 -3.39 -6.18 -16.81
N VAL A 503 -2.80 -5.80 -15.68
CA VAL A 503 -3.44 -4.83 -14.74
C VAL A 503 -3.51 -3.47 -15.42
N MET A 504 -2.48 -3.06 -16.16
CA MET A 504 -2.48 -1.73 -16.84
C MET A 504 -3.57 -1.68 -17.93
N ALA A 505 -3.67 -2.70 -18.78
CA ALA A 505 -4.68 -2.75 -19.85
C ALA A 505 -6.06 -2.51 -19.21
N GLY A 506 -6.38 -3.27 -18.16
CA GLY A 506 -7.65 -3.26 -17.40
C GLY A 506 -7.90 -1.92 -16.74
N ALA A 507 -6.91 -1.37 -16.04
CA ALA A 507 -6.95 -0.03 -15.41
C ALA A 507 -7.22 1.07 -16.45
N LEU A 508 -6.47 1.13 -17.56
CA LEU A 508 -6.67 2.17 -18.60
C LEU A 508 -8.08 2.08 -19.21
N ARG A 509 -8.61 0.87 -19.39
CA ARG A 509 -9.98 0.67 -19.96
C ARG A 509 -11.04 1.07 -18.91
N LEU A 510 -10.86 0.66 -17.66
CA LEU A 510 -11.86 0.98 -16.60
C LEU A 510 -11.93 2.49 -16.43
N MET A 511 -10.86 3.20 -16.82
CA MET A 511 -10.75 4.67 -16.66
C MET A 511 -11.05 5.37 -17.98
N ASN A 512 -11.51 4.60 -18.96
CA ASN A 512 -11.92 5.09 -20.29
C ASN A 512 -10.79 5.90 -20.87
N VAL A 513 -9.55 5.46 -20.67
CA VAL A 513 -8.40 6.14 -21.32
C VAL A 513 -8.32 5.68 -22.77
N PRO A 514 -8.23 6.61 -23.75
CA PRO A 514 -8.26 6.25 -25.17
C PRO A 514 -6.99 5.50 -25.56
N PRO A 515 -7.12 4.35 -26.27
CA PRO A 515 -5.96 3.74 -26.90
C PRO A 515 -5.15 4.76 -27.69
N ASP A 516 -3.82 4.79 -27.50
CA ASP A 516 -2.80 5.33 -28.44
C ASP A 516 -2.20 4.13 -29.19
#